data_2FIA
#
_entry.id   2FIA
#
_cell.length_a   122.679
_cell.length_b   79.658
_cell.length_c   83.871
_cell.angle_alpha   90.00
_cell.angle_beta   130.54
_cell.angle_gamma   90.00
#
_symmetry.space_group_name_H-M   'C 1 2 1'
#
loop_
_entity.id
_entity.type
_entity.pdbx_description
1 polymer acetyltransferase
2 water water
#
_entity_poly.entity_id   1
_entity_poly.type   'polypeptide(L)'
_entity_poly.pdbx_seq_one_letter_code
;MKIRVADEKELPMILQFLTEVKAYMDVVGITQWTKDYPSQGDIQEDITKKRLYLLVHEEMIFSMATFCMEQEQDFVWLKR
FATSPNYIAKGYGSLLFHELEKRAVWEGRRKMYAQTNHTNHRMIRFFESKGFTKIHESLQMNRLDFGSFYLYVKELENQS
IV
;
_entity_poly.pdbx_strand_id   A,B
#
# COMPACT_ATOMS: atom_id res chain seq x y z
N MET A 1 -11.53 -16.21 5.87
CA MET A 1 -12.00 -17.31 4.98
C MET A 1 -12.89 -18.20 5.87
N LYS A 2 -14.22 -18.02 5.85
CA LYS A 2 -15.03 -17.46 4.75
C LYS A 2 -15.83 -16.13 5.01
N ILE A 3 -16.83 -15.89 4.17
CA ILE A 3 -17.51 -14.58 4.05
C ILE A 3 -18.94 -14.56 4.57
N ARG A 4 -19.26 -13.58 5.42
CA ARG A 4 -20.58 -13.50 6.04
C ARG A 4 -20.88 -12.13 6.62
N VAL A 5 -22.16 -11.90 6.92
CA VAL A 5 -22.60 -10.64 7.51
C VAL A 5 -21.98 -10.48 8.89
N ALA A 6 -21.79 -9.24 9.34
CA ALA A 6 -21.18 -8.96 10.64
C ALA A 6 -22.22 -8.91 11.75
N ASP A 7 -21.92 -9.53 12.88
CA ASP A 7 -22.80 -9.49 14.05
C ASP A 7 -22.54 -8.22 14.88
N GLU A 8 -23.60 -7.69 15.49
CA GLU A 8 -23.50 -6.56 16.44
C GLU A 8 -22.34 -6.74 17.45
N LYS A 9 -22.02 -8.00 17.75
CA LYS A 9 -21.02 -8.33 18.76
C LYS A 9 -19.56 -8.06 18.34
N GLU A 10 -19.33 -7.65 17.09
CA GLU A 10 -17.97 -7.60 16.54
C GLU A 10 -17.40 -6.20 16.33
N LEU A 11 -17.93 -5.22 17.06
CA LEU A 11 -17.67 -3.82 16.76
C LEU A 11 -16.98 -3.04 17.88
N PRO A 12 -16.20 -3.69 18.76
CA PRO A 12 -15.05 -4.57 18.78
C PRO A 12 -14.26 -4.66 17.47
N MET A 13 -13.99 -5.88 17.02
CA MET A 13 -13.10 -6.11 15.88
C MET A 13 -13.11 -5.05 14.78
N ILE A 14 -14.29 -4.68 14.27
CA ILE A 14 -14.34 -3.85 13.07
C ILE A 14 -13.86 -2.41 13.30
N LEU A 15 -13.98 -1.90 14.52
CA LEU A 15 -13.42 -0.58 14.84
C LEU A 15 -11.90 -0.65 14.95
N GLN A 16 -11.40 -1.77 15.47
CA GLN A 16 -9.97 -2.00 15.53
C GLN A 16 -9.41 -2.02 14.10
N PHE A 17 -10.04 -2.87 13.27
CA PHE A 17 -9.68 -3.04 11.86
C PHE A 17 -9.63 -1.71 11.13
N LEU A 18 -10.69 -0.93 11.28
CA LEU A 18 -10.76 0.40 10.70
C LEU A 18 -9.67 1.33 11.14
N THR A 19 -9.17 1.16 12.35
CA THR A 19 -8.09 1.99 12.82
C THR A 19 -6.76 1.59 12.17
N GLU A 20 -6.51 0.28 12.02
CA GLU A 20 -5.30 -0.18 11.32
C GLU A 20 -5.25 0.34 9.88
N VAL A 21 -6.40 0.25 9.21
CA VAL A 21 -6.53 0.65 7.81
C VAL A 21 -6.37 2.16 7.61
N LYS A 22 -6.88 2.96 8.53
CA LYS A 22 -6.72 4.41 8.44
C LYS A 22 -5.26 4.79 8.64
N ALA A 23 -4.61 4.14 9.60
CA ALA A 23 -3.19 4.34 9.87
C ALA A 23 -2.33 4.03 8.64
N TYR A 24 -2.58 2.87 8.03
CA TYR A 24 -1.96 2.51 6.76
C TYR A 24 -2.21 3.57 5.72
N MET A 25 -3.49 3.91 5.53
CA MET A 25 -3.88 4.81 4.45
C MET A 25 -3.13 6.13 4.56
N ASP A 26 -2.96 6.66 5.76
CA ASP A 26 -2.46 8.02 5.82
C ASP A 26 -0.94 8.11 6.03
N VAL A 27 -0.30 7.00 6.40
CA VAL A 27 1.13 6.85 6.19
C VAL A 27 1.39 6.80 4.69
N VAL A 28 0.60 6.00 3.97
CA VAL A 28 0.73 5.89 2.51
C VAL A 28 0.49 7.21 1.81
N GLY A 29 -0.26 8.10 2.46
CA GLY A 29 -0.59 9.41 1.91
C GLY A 29 -1.91 9.44 1.18
N ILE A 30 -2.80 8.51 1.48
CA ILE A 30 -4.14 8.50 0.90
C ILE A 30 -5.07 9.33 1.80
N THR A 31 -5.71 10.33 1.19
CA THR A 31 -6.63 11.22 1.89
C THR A 31 -8.06 10.76 1.58
N GLN A 32 -8.58 9.85 2.40
CA GLN A 32 -9.88 9.27 2.15
C GLN A 32 -10.74 9.24 3.40
N TRP A 33 -10.35 8.44 4.38
CA TRP A 33 -11.13 8.31 5.59
C TRP A 33 -10.60 9.24 6.68
N THR A 34 -11.42 9.46 7.69
CA THR A 34 -11.09 10.37 8.78
C THR A 34 -11.40 9.71 10.12
N LYS A 35 -11.15 10.46 11.18
CA LYS A 35 -11.59 10.10 12.52
C LYS A 35 -13.05 9.64 12.48
N ASP A 36 -13.89 10.48 11.87
CA ASP A 36 -15.34 10.35 11.98
C ASP A 36 -16.02 9.60 10.84
N TYR A 37 -15.29 9.36 9.74
CA TYR A 37 -15.83 8.52 8.69
C TYR A 37 -14.79 7.48 8.26
N PRO A 38 -15.13 6.18 8.35
CA PRO A 38 -16.30 5.62 9.01
C PRO A 38 -16.20 5.72 10.53
N SER A 39 -17.31 6.08 11.17
CA SER A 39 -17.45 6.06 12.63
C SER A 39 -18.44 4.97 13.04
N GLN A 40 -18.49 4.72 14.35
CA GLN A 40 -19.37 3.71 14.95
C GLN A 40 -20.80 3.77 14.40
N GLY A 41 -21.37 4.97 14.37
CA GLY A 41 -22.70 5.16 13.81
C GLY A 41 -22.83 4.51 12.45
N ASP A 42 -21.83 4.71 11.61
CA ASP A 42 -21.82 4.19 10.25
C ASP A 42 -21.88 2.66 10.23
N ILE A 43 -21.00 1.99 10.97
CA ILE A 43 -20.98 0.52 10.92
C ILE A 43 -22.10 -0.14 11.71
N GLN A 44 -22.56 0.49 12.79
CA GLN A 44 -23.76 -0.01 13.51
C GLN A 44 -24.92 -0.10 12.54
N GLU A 45 -25.17 1.02 11.88
CA GLU A 45 -26.21 1.13 10.88
C GLU A 45 -26.11 0.06 9.80
N ASP A 46 -24.91 -0.23 9.34
CA ASP A 46 -24.73 -1.21 8.29
C ASP A 46 -24.96 -2.62 8.84
N ILE A 47 -24.55 -2.87 10.09
CA ILE A 47 -24.81 -4.17 10.71
C ILE A 47 -26.32 -4.36 10.86
N THR A 48 -26.93 -3.41 11.55
CA THR A 48 -28.38 -3.27 11.64
C THR A 48 -29.09 -3.54 10.30
N LYS A 49 -28.59 -2.96 9.21
CA LYS A 49 -29.25 -3.08 7.89
C LYS A 49 -28.82 -4.29 7.05
N LYS A 50 -28.16 -5.27 7.66
CA LYS A 50 -27.78 -6.51 6.97
C LYS A 50 -27.01 -6.21 5.65
N ARG A 51 -25.99 -5.38 5.82
CA ARG A 51 -25.38 -4.60 4.74
C ARG A 51 -23.84 -4.80 4.63
N LEU A 52 -23.22 -5.09 5.78
CA LEU A 52 -21.78 -5.12 5.94
C LEU A 52 -21.29 -6.56 5.97
N TYR A 53 -20.50 -6.94 4.98
CA TYR A 53 -19.92 -8.28 4.94
C TYR A 53 -18.46 -8.29 5.41
N LEU A 54 -18.01 -9.46 5.89
CA LEU A 54 -16.64 -9.68 6.36
C LEU A 54 -16.03 -10.88 5.67
N LEU A 55 -14.75 -10.78 5.32
CA LEU A 55 -13.93 -11.95 5.02
C LEU A 55 -13.24 -12.24 6.34
N VAL A 56 -13.55 -13.38 6.94
CA VAL A 56 -13.22 -13.60 8.35
C VAL A 56 -12.99 -15.06 8.68
N HIS A 57 -12.19 -15.28 9.71
CA HIS A 57 -12.01 -16.61 10.26
C HIS A 57 -11.73 -16.49 11.75
N GLU A 58 -12.46 -17.27 12.54
CA GLU A 58 -12.49 -17.08 13.99
C GLU A 58 -12.75 -15.59 14.27
N GLU A 59 -11.83 -14.90 14.94
CA GLU A 59 -12.06 -13.54 15.37
C GLU A 59 -11.18 -12.57 14.56
N MET A 60 -10.76 -12.99 13.36
CA MET A 60 -9.81 -12.24 12.55
C MET A 60 -10.37 -11.82 11.20
N ILE A 61 -10.66 -10.52 11.09
CA ILE A 61 -11.14 -9.90 9.86
C ILE A 61 -10.01 -9.67 8.87
N PHE A 62 -10.11 -10.30 7.70
CA PHE A 62 -9.11 -10.09 6.66
C PHE A 62 -9.49 -8.89 5.81
N SER A 63 -10.77 -8.79 5.49
CA SER A 63 -11.29 -7.75 4.62
C SER A 63 -12.75 -7.52 4.96
N MET A 64 -13.23 -6.30 4.70
CA MET A 64 -14.63 -5.98 4.92
C MET A 64 -15.15 -5.05 3.84
N ALA A 65 -16.46 -5.01 3.67
CA ALA A 65 -17.09 -4.16 2.68
C ALA A 65 -18.57 -4.07 2.96
N THR A 66 -19.14 -2.88 2.83
CA THR A 66 -20.58 -2.74 2.90
C THR A 66 -21.20 -2.71 1.49
N PHE A 67 -22.20 -3.56 1.30
CA PHE A 67 -22.76 -3.84 -0.01
C PHE A 67 -24.23 -3.47 0.02
N CYS A 68 -24.59 -2.43 -0.71
CA CYS A 68 -25.95 -1.90 -0.72
C CYS A 68 -26.77 -2.52 -1.82
N MET A 69 -27.66 -3.40 -1.42
CA MET A 69 -28.67 -3.97 -2.29
C MET A 69 -29.95 -3.39 -1.72
N GLU A 70 -30.75 -2.79 -2.59
CA GLU A 70 -31.92 -2.03 -2.16
C GLU A 70 -33.20 -2.64 -2.73
N GLN A 71 -34.30 -2.47 -1.99
CA GLN A 71 -35.61 -3.00 -2.38
C GLN A 71 -35.99 -2.67 -3.84
N GLU A 72 -36.23 -3.71 -4.64
CA GLU A 72 -36.69 -3.54 -6.02
C GLU A 72 -35.86 -2.48 -6.76
N GLN A 73 -34.55 -2.59 -6.65
CA GLN A 73 -33.63 -1.70 -7.36
C GLN A 73 -32.81 -2.45 -8.39
N ASP A 74 -32.25 -1.65 -9.27
CA ASP A 74 -31.58 -2.09 -10.48
C ASP A 74 -30.07 -2.38 -10.23
N PHE A 75 -29.54 -1.81 -9.15
CA PHE A 75 -28.11 -1.61 -8.99
C PHE A 75 -27.68 -1.95 -7.58
N VAL A 76 -26.37 -1.95 -7.36
CA VAL A 76 -25.81 -2.08 -6.04
C VAL A 76 -24.67 -1.11 -5.85
N TRP A 77 -24.33 -0.89 -4.60
CA TRP A 77 -23.32 0.07 -4.20
C TRP A 77 -22.30 -0.60 -3.32
N LEU A 78 -21.06 -0.62 -3.78
CA LEU A 78 -19.94 -1.03 -2.96
C LEU A 78 -19.42 0.19 -2.24
N LYS A 79 -19.33 0.11 -0.93
CA LYS A 79 -18.95 1.24 -0.07
C LYS A 79 -18.03 0.77 1.04
N ARG A 80 -17.21 1.69 1.54
CA ARG A 80 -16.31 1.40 2.66
C ARG A 80 -15.61 0.04 2.56
N PHE A 81 -15.05 -0.23 1.39
CA PHE A 81 -14.30 -1.44 1.08
C PHE A 81 -12.85 -1.30 1.57
N ALA A 82 -12.39 -2.27 2.35
CA ALA A 82 -11.07 -2.20 2.94
C ALA A 82 -10.54 -3.57 3.32
N THR A 83 -9.24 -3.76 3.08
CA THR A 83 -8.54 -4.98 3.43
C THR A 83 -7.47 -4.62 4.45
N SER A 84 -7.20 -5.53 5.37
CA SER A 84 -6.16 -5.31 6.38
C SER A 84 -4.82 -5.25 5.68
N PRO A 85 -3.94 -4.29 6.06
CA PRO A 85 -2.64 -4.12 5.36
C PRO A 85 -1.80 -5.40 5.31
N ASN A 86 -1.91 -6.22 6.35
CA ASN A 86 -1.23 -7.51 6.42
C ASN A 86 -1.66 -8.50 5.34
N TYR A 87 -2.87 -8.32 4.80
CA TYR A 87 -3.46 -9.32 3.90
C TYR A 87 -3.65 -8.85 2.46
N ILE A 88 -3.21 -7.63 2.18
CA ILE A 88 -3.30 -7.07 0.83
C ILE A 88 -2.47 -7.92 -0.12
N ALA A 89 -1.28 -8.33 0.32
CA ALA A 89 -0.34 -9.10 -0.52
C ALA A 89 -0.89 -10.46 -0.97
N LYS A 90 -1.78 -11.03 -0.15
CA LYS A 90 -2.46 -12.28 -0.47
C LYS A 90 -3.67 -12.06 -1.40
N GLY A 91 -4.17 -10.83 -1.44
CA GLY A 91 -5.19 -10.47 -2.42
C GLY A 91 -6.58 -10.86 -1.93
N TYR A 92 -6.77 -10.72 -0.62
CA TYR A 92 -8.03 -11.08 0.00
C TYR A 92 -9.13 -10.09 -0.36
N GLY A 93 -8.77 -8.82 -0.49
CA GLY A 93 -9.71 -7.84 -1.01
C GLY A 93 -10.40 -8.37 -2.27
N SER A 94 -9.63 -8.97 -3.16
CA SER A 94 -10.17 -9.48 -4.41
C SER A 94 -11.13 -10.65 -4.16
N LEU A 95 -10.83 -11.49 -3.16
CA LEU A 95 -11.75 -12.55 -2.78
C LEU A 95 -13.10 -11.98 -2.31
N LEU A 96 -13.08 -11.12 -1.30
CA LEU A 96 -14.29 -10.48 -0.84
C LEU A 96 -15.05 -9.83 -1.99
N PHE A 97 -14.31 -9.16 -2.87
CA PHE A 97 -14.96 -8.47 -3.97
C PHE A 97 -15.73 -9.42 -4.89
N HIS A 98 -15.06 -10.47 -5.39
CA HIS A 98 -15.66 -11.34 -6.39
C HIS A 98 -16.87 -12.13 -5.86
N GLU A 99 -16.90 -12.35 -4.55
CA GLU A 99 -18.04 -13.00 -3.92
C GLU A 99 -19.24 -12.07 -3.94
N LEU A 100 -19.04 -10.83 -3.52
CA LEU A 100 -20.11 -9.85 -3.52
C LEU A 100 -20.63 -9.60 -4.94
N GLU A 101 -19.74 -9.55 -5.91
CA GLU A 101 -20.15 -9.37 -7.29
C GLU A 101 -21.06 -10.53 -7.71
N LYS A 102 -20.69 -11.74 -7.30
CA LYS A 102 -21.48 -12.93 -7.57
C LYS A 102 -22.90 -12.81 -7.04
N ARG A 103 -23.03 -12.39 -5.77
CA ARG A 103 -24.33 -12.21 -5.13
C ARG A 103 -25.23 -11.29 -5.94
N ALA A 104 -24.70 -10.13 -6.29
CA ALA A 104 -25.43 -9.17 -7.09
C ALA A 104 -25.82 -9.75 -8.44
N VAL A 105 -24.97 -10.58 -9.02
CA VAL A 105 -25.23 -11.09 -10.38
C VAL A 105 -26.51 -11.94 -10.50
N TRP A 106 -26.76 -12.89 -9.61
CA TRP A 106 -28.05 -13.58 -9.71
C TRP A 106 -29.02 -13.25 -8.59
N GLU A 107 -28.84 -12.06 -8.01
CA GLU A 107 -29.96 -11.27 -7.50
C GLU A 107 -30.50 -10.43 -8.64
N GLY A 108 -29.91 -10.55 -9.83
CA GLY A 108 -30.42 -9.90 -11.03
C GLY A 108 -29.97 -8.48 -11.32
N ARG A 109 -29.06 -7.94 -10.51
CA ARG A 109 -28.64 -6.54 -10.67
C ARG A 109 -27.83 -6.40 -11.96
N ARG A 110 -27.87 -5.23 -12.58
CA ARG A 110 -27.09 -5.01 -13.81
C ARG A 110 -26.07 -3.86 -13.73
N LYS A 111 -25.99 -3.19 -12.59
CA LYS A 111 -25.04 -2.10 -12.39
C LYS A 111 -24.49 -2.12 -10.97
N MET A 112 -23.19 -1.87 -10.85
CA MET A 112 -22.52 -1.77 -9.54
C MET A 112 -21.76 -0.44 -9.50
N TYR A 113 -22.01 0.32 -8.43
CA TYR A 113 -21.38 1.62 -8.23
C TYR A 113 -20.35 1.53 -7.14
N ALA A 114 -19.25 2.25 -7.33
CA ALA A 114 -18.22 2.40 -6.29
C ALA A 114 -17.52 3.74 -6.42
N GLN A 115 -16.73 4.09 -5.41
CA GLN A 115 -16.16 5.41 -5.28
C GLN A 115 -14.78 5.42 -4.57
N THR A 116 -13.82 6.22 -5.02
CA THR A 116 -12.62 6.49 -4.22
C THR A 116 -12.22 7.89 -4.35
N ASN A 117 -11.39 8.32 -3.39
CA ASN A 117 -10.71 9.59 -3.51
C ASN A 117 -9.65 9.54 -4.60
N HIS A 118 -9.43 10.69 -5.23
CA HIS A 118 -8.46 10.79 -6.32
C HIS A 118 -7.05 10.36 -5.96
N THR A 119 -6.68 10.42 -4.68
CA THR A 119 -5.35 10.03 -4.22
C THR A 119 -5.18 8.55 -4.01
N ASN A 120 -6.27 7.79 -4.17
CA ASN A 120 -6.22 6.35 -3.86
C ASN A 120 -5.94 5.52 -5.13
N HIS A 121 -4.68 5.50 -5.55
CA HIS A 121 -4.32 4.90 -6.83
C HIS A 121 -4.40 3.40 -6.82
N ARG A 122 -4.08 2.81 -5.67
CA ARG A 122 -4.31 1.38 -5.50
C ARG A 122 -5.75 1.06 -5.90
N MET A 123 -6.68 1.81 -5.32
CA MET A 123 -8.09 1.45 -5.43
C MET A 123 -8.62 1.84 -6.80
N ILE A 124 -8.06 2.90 -7.38
CA ILE A 124 -8.34 3.28 -8.76
C ILE A 124 -7.93 2.14 -9.69
N ARG A 125 -6.71 1.61 -9.52
CA ARG A 125 -6.24 0.48 -10.33
C ARG A 125 -7.09 -0.76 -10.11
N PHE A 126 -7.39 -1.03 -8.85
CA PHE A 126 -8.25 -2.13 -8.49
C PHE A 126 -9.57 -2.07 -9.30
N PHE A 127 -10.31 -0.96 -9.21
CA PHE A 127 -11.60 -0.85 -9.91
C PHE A 127 -11.47 -0.97 -11.41
N GLU A 128 -10.46 -0.31 -11.98
CA GLU A 128 -10.22 -0.44 -13.41
C GLU A 128 -9.96 -1.91 -13.80
N SER A 129 -9.25 -2.64 -12.95
CA SER A 129 -8.89 -4.03 -13.22
C SER A 129 -10.10 -4.95 -13.12
N LYS A 130 -11.07 -4.57 -12.31
CA LYS A 130 -12.33 -5.29 -12.19
C LYS A 130 -13.36 -4.89 -13.25
N GLY A 131 -12.95 -4.08 -14.22
CA GLY A 131 -13.86 -3.66 -15.27
C GLY A 131 -14.78 -2.48 -14.94
N PHE A 132 -14.52 -1.77 -13.84
CA PHE A 132 -15.25 -0.52 -13.58
C PHE A 132 -14.75 0.56 -14.52
N THR A 133 -15.53 1.62 -14.68
CA THR A 133 -15.13 2.79 -15.47
C THR A 133 -15.48 4.05 -14.70
N LYS A 134 -14.59 5.03 -14.78
CA LYS A 134 -14.81 6.32 -14.11
C LYS A 134 -15.78 7.10 -14.93
N ILE A 135 -16.84 7.60 -14.31
CA ILE A 135 -17.87 8.34 -15.03
C ILE A 135 -18.18 9.73 -14.46
N HIS A 136 -17.67 10.04 -13.28
CA HIS A 136 -17.96 11.31 -12.64
C HIS A 136 -16.98 11.62 -11.53
N GLU A 137 -16.91 12.90 -11.17
CA GLU A 137 -16.14 13.42 -10.04
C GLU A 137 -17.02 14.31 -9.18
N SER A 138 -16.70 14.40 -7.90
CA SER A 138 -17.52 15.10 -6.94
C SER A 138 -16.80 15.32 -5.60
N LEU A 139 -17.29 16.28 -4.83
CA LEU A 139 -16.87 16.48 -3.45
C LEU A 139 -17.71 15.64 -2.54
N GLN A 140 -17.18 15.35 -1.37
CA GLN A 140 -17.94 14.66 -0.33
C GLN A 140 -18.10 15.57 0.88
N MET A 141 -19.32 15.61 1.41
CA MET A 141 -19.62 16.37 2.61
C MET A 141 -18.72 15.88 3.74
N ASN A 142 -18.32 16.80 4.61
CA ASN A 142 -17.44 16.49 5.74
C ASN A 142 -16.10 15.87 5.32
N ARG A 143 -15.67 16.15 4.09
CA ARG A 143 -14.40 15.63 3.58
C ARG A 143 -13.91 16.51 2.43
N LEU A 144 -14.29 17.78 2.49
CA LEU A 144 -13.99 18.73 1.43
C LEU A 144 -12.51 18.97 1.29
N ASP A 145 -11.77 18.82 2.38
CA ASP A 145 -10.32 18.97 2.36
C ASP A 145 -9.67 18.01 1.38
N PHE A 146 -10.25 16.81 1.26
CA PHE A 146 -9.70 15.77 0.40
C PHE A 146 -10.00 15.92 -1.09
N GLY A 147 -10.81 16.91 -1.46
CA GLY A 147 -11.01 17.20 -2.86
C GLY A 147 -11.83 16.13 -3.57
N SER A 148 -11.42 15.81 -4.80
CA SER A 148 -12.23 15.01 -5.70
C SER A 148 -12.34 13.56 -5.32
N PHE A 149 -13.55 13.05 -5.37
CA PHE A 149 -13.82 11.63 -5.33
C PHE A 149 -14.35 11.22 -6.69
N TYR A 150 -13.89 10.08 -7.16
CA TYR A 150 -14.25 9.53 -8.44
C TYR A 150 -15.33 8.46 -8.31
N LEU A 151 -16.28 8.47 -9.24
CA LEU A 151 -17.38 7.50 -9.26
C LEU A 151 -17.14 6.48 -10.35
N TYR A 152 -17.26 5.22 -10.00
CA TYR A 152 -17.07 4.12 -10.95
C TYR A 152 -18.34 3.28 -11.11
N VAL A 153 -18.59 2.86 -12.34
CA VAL A 153 -19.67 1.93 -12.63
C VAL A 153 -19.15 0.71 -13.37
N LYS A 154 -19.69 -0.46 -13.02
CA LYS A 154 -19.45 -1.68 -13.76
C LYS A 154 -20.79 -2.25 -14.18
N GLU A 155 -20.95 -2.48 -15.48
CA GLU A 155 -22.11 -3.19 -16.00
C GLU A 155 -21.92 -4.66 -15.61
N LEU A 156 -22.90 -5.23 -14.91
CA LEU A 156 -22.79 -6.60 -14.37
C LEU A 156 -23.23 -7.71 -15.33
N GLU A 157 -22.42 -8.77 -15.42
CA GLU A 157 -22.84 -10.08 -15.93
C GLU A 157 -21.80 -11.18 -15.70
N MET B 1 13.87 -4.25 16.05
CA MET B 1 14.34 -2.86 16.26
C MET B 1 15.51 -3.03 17.22
N LYS B 2 16.74 -2.72 16.80
CA LYS B 2 17.04 -1.71 15.79
C LYS B 2 17.75 -2.17 14.49
N ILE B 3 18.57 -1.26 13.95
CA ILE B 3 18.98 -1.25 12.55
C ILE B 3 20.45 -1.58 12.40
N ARG B 4 20.77 -2.52 11.53
CA ARG B 4 22.13 -2.99 11.42
C ARG B 4 22.38 -3.60 10.05
N VAL B 5 23.65 -3.70 9.67
CA VAL B 5 24.02 -4.30 8.40
C VAL B 5 23.51 -5.74 8.45
N ALA B 6 23.10 -6.28 7.31
CA ALA B 6 22.60 -7.65 7.27
C ALA B 6 23.77 -8.63 7.27
N ASP B 7 23.59 -9.73 7.99
CA ASP B 7 24.51 -10.86 7.95
C ASP B 7 24.16 -11.71 6.75
N GLU B 8 25.10 -12.49 6.26
CA GLU B 8 24.80 -13.38 5.14
C GLU B 8 24.02 -14.60 5.60
N LYS B 9 23.84 -14.76 6.93
CA LYS B 9 23.12 -15.94 7.43
C LYS B 9 21.75 -16.07 6.77
N GLU B 10 21.09 -14.97 6.42
CA GLU B 10 19.92 -14.43 7.07
C GLU B 10 19.13 -14.40 5.76
N LEU B 11 19.84 -14.78 4.69
CA LEU B 11 19.47 -14.53 3.32
C LEU B 11 18.12 -15.13 3.00
N PRO B 12 17.89 -16.39 3.40
CA PRO B 12 16.61 -16.97 3.05
C PRO B 12 15.46 -16.22 3.73
N MET B 13 15.77 -15.63 4.88
CA MET B 13 14.82 -14.82 5.61
C MET B 13 14.50 -13.55 4.80
N ILE B 14 15.53 -12.85 4.36
CA ILE B 14 15.35 -11.61 3.59
C ILE B 14 14.80 -11.95 2.20
N LEU B 15 15.24 -13.08 1.65
CA LEU B 15 14.72 -13.54 0.37
C LEU B 15 13.21 -13.82 0.48
N GLN B 16 12.74 -14.22 1.65
CA GLN B 16 11.31 -14.38 1.90
C GLN B 16 10.69 -13.00 1.85
N PHE B 17 11.16 -12.13 2.75
CA PHE B 17 10.73 -10.75 2.85
C PHE B 17 10.44 -10.08 1.53
N LEU B 18 11.37 -10.15 0.58
CA LEU B 18 11.11 -9.43 -0.66
C LEU B 18 10.17 -10.18 -1.60
N THR B 19 9.87 -11.44 -1.33
CA THR B 19 8.80 -12.12 -2.05
C THR B 19 7.42 -11.62 -1.60
N GLU B 20 7.30 -11.32 -0.30
CA GLU B 20 6.08 -10.74 0.24
C GLU B 20 5.86 -9.32 -0.23
N VAL B 21 6.95 -8.54 -0.26
CA VAL B 21 6.90 -7.17 -0.76
C VAL B 21 6.58 -7.17 -2.26
N LYS B 22 7.08 -8.14 -2.99
CA LYS B 22 6.79 -8.22 -4.42
C LYS B 22 5.35 -8.61 -4.69
N ALA B 23 4.75 -9.34 -3.76
CA ALA B 23 3.36 -9.74 -3.91
C ALA B 23 2.47 -8.52 -3.68
N TYR B 24 2.69 -7.83 -2.56
CA TYR B 24 2.01 -6.56 -2.26
C TYR B 24 2.08 -5.59 -3.43
N MET B 25 3.32 -5.32 -3.85
CA MET B 25 3.60 -4.48 -5.02
C MET B 25 2.66 -4.88 -6.16
N ASP B 26 2.53 -6.19 -6.37
CA ASP B 26 1.72 -6.74 -7.44
C ASP B 26 0.21 -6.45 -7.33
N VAL B 27 -0.42 -6.77 -6.19
CA VAL B 27 -1.87 -6.63 -6.13
C VAL B 27 -2.26 -5.14 -6.22
N VAL B 28 -1.48 -4.27 -5.58
CA VAL B 28 -1.82 -2.85 -5.56
C VAL B 28 -1.60 -2.18 -6.92
N GLY B 29 -0.87 -2.84 -7.81
CA GLY B 29 -0.65 -2.33 -9.17
C GLY B 29 0.61 -1.50 -9.35
N ILE B 30 1.57 -1.67 -8.43
CA ILE B 30 2.91 -1.10 -8.59
C ILE B 30 3.72 -2.01 -9.53
N THR B 31 4.22 -1.43 -10.61
CA THR B 31 5.06 -2.16 -11.57
C THR B 31 6.52 -1.72 -11.40
N GLN B 32 7.28 -2.42 -10.58
CA GLN B 32 8.63 -1.96 -10.24
C GLN B 32 9.63 -3.09 -10.12
N TRP B 33 9.33 -4.07 -9.28
CA TRP B 33 10.20 -5.22 -9.11
C TRP B 33 9.78 -6.39 -9.98
N THR B 34 10.68 -7.36 -10.08
CA THR B 34 10.56 -8.50 -10.97
C THR B 34 10.92 -9.71 -10.13
N LYS B 35 10.79 -10.91 -10.67
CA LYS B 35 11.38 -12.09 -10.01
C LYS B 35 12.92 -11.96 -10.03
N ASP B 36 13.45 -11.36 -11.09
CA ASP B 36 14.90 -11.23 -11.28
C ASP B 36 15.49 -9.95 -10.71
N TYR B 37 14.65 -9.08 -10.13
CA TYR B 37 15.17 -7.86 -9.49
C TYR B 37 14.27 -7.33 -8.36
N PRO B 38 14.80 -7.24 -7.14
CA PRO B 38 16.07 -7.78 -6.68
C PRO B 38 16.08 -9.30 -6.71
N SER B 39 17.13 -9.88 -7.28
CA SER B 39 17.33 -11.33 -7.25
C SER B 39 18.31 -11.66 -6.13
N GLN B 40 18.58 -12.96 -5.96
CA GLN B 40 19.51 -13.45 -4.95
C GLN B 40 20.90 -12.84 -5.11
N GLY B 41 21.40 -12.85 -6.35
CA GLY B 41 22.71 -12.27 -6.67
C GLY B 41 22.86 -10.84 -6.19
N ASP B 42 21.87 -10.02 -6.52
CA ASP B 42 21.80 -8.64 -6.08
C ASP B 42 21.97 -8.54 -4.56
N ILE B 43 21.32 -9.44 -3.83
CA ILE B 43 21.35 -9.41 -2.37
C ILE B 43 22.71 -9.82 -1.82
N GLN B 44 23.24 -10.94 -2.30
CA GLN B 44 24.57 -11.42 -1.87
C GLN B 44 25.61 -10.33 -2.10
N GLU B 45 25.72 -9.89 -3.35
CA GLU B 45 26.62 -8.82 -3.70
C GLU B 45 26.52 -7.68 -2.70
N ASP B 46 25.30 -7.32 -2.31
CA ASP B 46 25.10 -6.22 -1.38
C ASP B 46 25.65 -6.55 0.01
N ILE B 47 25.46 -7.80 0.44
CA ILE B 47 25.96 -8.19 1.78
C ILE B 47 27.48 -8.24 1.77
N THR B 48 28.03 -8.92 0.77
CA THR B 48 29.47 -8.88 0.48
C THR B 48 30.03 -7.47 0.66
N LYS B 49 29.41 -6.50 -0.01
CA LYS B 49 29.91 -5.13 0.02
C LYS B 49 29.43 -4.32 1.24
N LYS B 50 28.87 -5.01 2.25
CA LYS B 50 28.58 -4.41 3.55
C LYS B 50 27.66 -3.16 3.43
N ARG B 51 26.51 -3.40 2.82
CA ARG B 51 25.74 -2.39 2.10
C ARG B 51 24.22 -2.50 2.35
N LEU B 52 23.76 -3.71 2.68
CA LEU B 52 22.37 -4.01 2.91
C LEU B 52 22.04 -3.85 4.39
N TYR B 53 21.31 -2.81 4.74
CA TYR B 53 20.92 -2.54 6.13
C TYR B 53 19.49 -2.99 6.41
N LEU B 54 19.24 -3.45 7.63
CA LEU B 54 17.95 -4.02 8.03
C LEU B 54 17.39 -3.36 9.27
N LEU B 55 16.08 -3.16 9.28
CA LEU B 55 15.34 -2.90 10.51
C LEU B 55 14.82 -4.27 10.89
N VAL B 56 15.24 -4.79 12.04
CA VAL B 56 15.12 -6.21 12.34
C VAL B 56 14.93 -6.49 13.83
N HIS B 57 14.27 -7.62 14.14
CA HIS B 57 14.00 -8.03 15.53
C HIS B 57 13.68 -9.52 15.74
N GLU B 58 14.67 -10.41 15.76
CA GLU B 58 15.86 -10.33 14.93
C GLU B 58 16.13 -11.80 14.76
N GLU B 59 15.17 -12.57 14.23
CA GLU B 59 14.74 -12.47 12.84
C GLU B 59 13.32 -12.03 12.42
N MET B 60 12.85 -10.85 12.81
CA MET B 60 11.68 -10.29 12.13
C MET B 60 12.03 -8.97 11.44
N ILE B 61 12.27 -9.07 10.13
CA ILE B 61 12.70 -7.94 9.30
C ILE B 61 11.51 -7.06 8.94
N PHE B 62 11.48 -5.86 9.51
CA PHE B 62 10.40 -4.93 9.23
C PHE B 62 10.66 -4.19 7.90
N SER B 63 11.93 -3.86 7.66
CA SER B 63 12.29 -3.04 6.50
C SER B 63 13.75 -3.25 6.14
N MET B 64 14.09 -2.94 4.90
CA MET B 64 15.44 -3.14 4.41
C MET B 64 15.78 -2.13 3.32
N ALA B 65 17.06 -1.90 3.12
CA ALA B 65 17.53 -0.96 2.12
C ALA B 65 19.00 -1.19 1.88
N THR B 66 19.48 -0.96 0.66
CA THR B 66 20.91 -0.94 0.45
C THR B 66 21.34 0.49 0.24
N PHE B 67 22.45 0.83 0.90
CA PHE B 67 22.91 2.20 1.07
C PHE B 67 24.30 2.20 0.45
N CYS B 68 24.48 2.98 -0.61
CA CYS B 68 25.72 3.00 -1.39
C CYS B 68 26.60 4.18 -1.10
N MET B 69 27.82 3.90 -0.66
CA MET B 69 28.90 4.88 -0.60
C MET B 69 30.07 4.36 -1.38
N GLU B 70 30.41 5.04 -2.46
CA GLU B 70 31.66 4.78 -3.15
C GLU B 70 32.73 5.73 -2.62
N GLN B 71 33.90 5.17 -2.34
CA GLN B 71 35.14 5.93 -2.18
C GLN B 71 35.17 7.24 -3.01
N GLU B 72 35.38 8.37 -2.33
CA GLU B 72 35.64 9.67 -2.98
C GLU B 72 34.48 10.27 -3.80
N GLN B 73 33.25 9.81 -3.53
CA GLN B 73 32.07 10.47 -4.10
C GLN B 73 31.42 11.34 -3.01
N ASP B 74 30.79 12.42 -3.42
CA ASP B 74 30.05 13.30 -2.51
C ASP B 74 28.64 12.83 -2.18
N PHE B 75 28.16 11.77 -2.82
CA PHE B 75 26.76 11.38 -2.68
C PHE B 75 26.60 9.94 -2.23
N VAL B 76 25.38 9.63 -1.83
CA VAL B 76 25.01 8.24 -1.58
C VAL B 76 23.77 7.88 -2.38
N TRP B 77 23.62 6.60 -2.62
CA TRP B 77 22.51 6.11 -3.39
C TRP B 77 21.68 5.20 -2.52
N LEU B 78 20.41 5.54 -2.36
CA LEU B 78 19.46 4.67 -1.70
C LEU B 78 18.88 3.76 -2.78
N LYS B 79 18.93 2.46 -2.55
CA LYS B 79 18.47 1.49 -3.55
C LYS B 79 17.76 0.32 -2.87
N ARG B 80 16.78 -0.24 -3.56
CA ARG B 80 16.10 -1.45 -3.11
C ARG B 80 15.59 -1.29 -1.69
N PHE B 81 14.92 -0.16 -1.47
CA PHE B 81 14.31 0.20 -0.19
C PHE B 81 12.92 -0.44 -0.12
N ALA B 82 12.63 -1.20 0.93
CA ALA B 82 11.32 -1.84 1.04
C ALA B 82 10.96 -1.99 2.50
N THR B 83 9.70 -1.73 2.82
CA THR B 83 9.15 -1.99 4.15
C THR B 83 8.07 -3.03 3.94
N SER B 84 7.94 -3.98 4.87
CA SER B 84 6.94 -5.04 4.68
C SER B 84 5.57 -4.39 4.82
N PRO B 85 4.57 -4.90 4.08
CA PRO B 85 3.27 -4.20 3.99
C PRO B 85 2.63 -4.07 5.36
N ASN B 86 2.84 -5.11 6.16
CA ASN B 86 2.42 -5.21 7.54
C ASN B 86 2.83 -4.03 8.42
N TYR B 87 4.02 -3.48 8.19
CA TYR B 87 4.60 -2.47 9.07
C TYR B 87 4.68 -1.07 8.44
N ILE B 88 4.13 -0.92 7.24
CA ILE B 88 4.00 0.41 6.64
C ILE B 88 3.16 1.31 7.56
N ALA B 89 2.14 0.71 8.17
CA ALA B 89 1.23 1.44 9.06
C ALA B 89 2.00 2.06 10.21
N LYS B 90 3.02 1.35 10.69
CA LYS B 90 3.85 1.80 11.82
C LYS B 90 4.85 2.91 11.45
N GLY B 91 5.05 3.13 10.15
CA GLY B 91 6.03 4.12 9.68
C GLY B 91 7.46 3.66 9.87
N TYR B 92 7.66 2.34 9.87
CA TYR B 92 8.98 1.78 10.10
C TYR B 92 9.92 2.03 8.93
N GLY B 93 9.38 2.16 7.73
CA GLY B 93 10.15 2.62 6.58
C GLY B 93 10.82 3.95 6.85
N SER B 94 10.08 4.87 7.46
CA SER B 94 10.63 6.16 7.86
C SER B 94 11.77 6.07 8.88
N LEU B 95 11.67 5.11 9.81
CA LEU B 95 12.74 4.91 10.77
C LEU B 95 14.05 4.53 10.10
N LEU B 96 14.00 3.53 9.23
CA LEU B 96 15.19 3.08 8.52
C LEU B 96 15.78 4.21 7.69
N PHE B 97 14.93 4.88 6.92
CA PHE B 97 15.39 5.96 6.09
C PHE B 97 16.14 7.03 6.89
N HIS B 98 15.53 7.56 7.95
CA HIS B 98 16.14 8.64 8.73
C HIS B 98 17.44 8.21 9.40
N GLU B 99 17.59 6.92 9.64
CA GLU B 99 18.83 6.37 10.19
C GLU B 99 19.94 6.42 9.16
N LEU B 100 19.63 5.98 7.94
CA LEU B 100 20.58 5.98 6.84
C LEU B 100 20.98 7.39 6.44
N GLU B 101 20.06 8.33 6.53
CA GLU B 101 20.34 9.71 6.21
C GLU B 101 21.23 10.34 7.27
N LYS B 102 20.99 9.93 8.51
CA LYS B 102 21.80 10.38 9.63
C LYS B 102 23.22 9.90 9.37
N ARG B 103 23.35 8.62 9.01
CA ARG B 103 24.63 8.03 8.65
C ARG B 103 25.34 8.82 7.55
N ALA B 104 24.67 9.02 6.42
CA ALA B 104 25.25 9.73 5.29
C ALA B 104 25.75 11.11 5.66
N VAL B 105 24.96 11.84 6.46
CA VAL B 105 25.27 13.22 6.83
C VAL B 105 26.56 13.31 7.65
N TRP B 106 26.78 12.33 8.51
CA TRP B 106 27.96 12.30 9.36
C TRP B 106 29.17 11.56 8.72
N GLU B 107 29.07 11.24 7.44
CA GLU B 107 30.19 10.76 6.63
C GLU B 107 30.55 11.86 5.63
N GLY B 108 30.02 13.07 5.86
CA GLY B 108 30.33 14.23 5.04
C GLY B 108 29.64 14.27 3.69
N ARG B 109 28.61 13.44 3.50
CA ARG B 109 27.98 13.34 2.18
C ARG B 109 27.01 14.48 1.96
N ARG B 110 26.94 14.99 0.74
CA ARG B 110 26.14 16.17 0.43
C ARG B 110 24.80 15.88 -0.26
N LYS B 111 24.72 14.77 -0.99
CA LYS B 111 23.54 14.42 -1.76
C LYS B 111 23.15 12.97 -1.52
N MET B 112 21.87 12.68 -1.66
CA MET B 112 21.31 11.32 -1.63
C MET B 112 20.39 11.17 -2.81
N TYR B 113 20.66 10.15 -3.63
CA TYR B 113 19.84 9.83 -4.79
C TYR B 113 18.93 8.64 -4.48
N ALA B 114 17.77 8.61 -5.13
CA ALA B 114 16.85 7.49 -5.01
C ALA B 114 15.98 7.42 -6.24
N GLN B 115 15.42 6.26 -6.49
CA GLN B 115 14.59 6.03 -7.66
C GLN B 115 13.33 5.26 -7.27
N THR B 116 12.25 5.49 -8.00
CA THR B 116 11.04 4.67 -7.90
C THR B 116 10.30 4.69 -9.24
N ASN B 117 9.39 3.73 -9.45
CA ASN B 117 8.60 3.71 -10.68
C ASN B 117 7.47 4.75 -10.64
N HIS B 118 7.02 5.20 -11.81
CA HIS B 118 5.91 6.16 -11.90
C HIS B 118 4.62 5.66 -11.24
N THR B 119 4.46 4.35 -11.15
CA THR B 119 3.30 3.73 -10.49
C THR B 119 3.36 3.73 -8.96
N ASN B 120 4.51 4.03 -8.37
CA ASN B 120 4.66 3.86 -6.92
C ASN B 120 4.42 5.15 -6.16
N HIS B 121 3.14 5.53 -6.09
CA HIS B 121 2.74 6.80 -5.48
C HIS B 121 3.07 6.89 -3.99
N ARG B 122 3.06 5.76 -3.30
CA ARG B 122 3.44 5.79 -1.91
C ARG B 122 4.87 6.33 -1.78
N MET B 123 5.77 5.83 -2.64
CA MET B 123 7.18 6.20 -2.56
C MET B 123 7.44 7.58 -3.15
N ILE B 124 6.71 7.94 -4.20
CA ILE B 124 6.79 9.29 -4.73
C ILE B 124 6.47 10.29 -3.62
N ARG B 125 5.39 10.04 -2.90
CA ARG B 125 5.02 10.89 -1.79
C ARG B 125 6.07 10.84 -0.70
N PHE B 126 6.48 9.63 -0.37
CA PHE B 126 7.55 9.44 0.61
C PHE B 126 8.75 10.34 0.32
N PHE B 127 9.24 10.31 -0.93
CA PHE B 127 10.42 11.09 -1.31
C PHE B 127 10.17 12.59 -1.30
N GLU B 128 9.08 13.01 -1.91
CA GLU B 128 8.69 14.42 -1.82
C GLU B 128 8.54 14.86 -0.36
N SER B 129 8.09 13.93 0.48
CA SER B 129 7.88 14.19 1.90
C SER B 129 9.20 14.43 2.63
N LYS B 130 10.25 13.72 2.23
CA LYS B 130 11.54 13.79 2.91
C LYS B 130 12.49 14.85 2.36
N GLY B 131 12.03 15.63 1.40
CA GLY B 131 12.82 16.74 0.87
C GLY B 131 13.48 16.49 -0.47
N PHE B 132 13.18 15.35 -1.10
CA PHE B 132 13.77 15.04 -2.40
C PHE B 132 13.07 15.84 -3.46
N THR B 133 13.67 15.86 -4.64
CA THR B 133 13.17 16.60 -5.79
C THR B 133 13.35 15.70 -6.99
N LYS B 134 12.29 15.44 -7.74
CA LYS B 134 12.40 14.67 -8.98
C LYS B 134 13.30 15.46 -9.92
N ILE B 135 14.27 14.81 -10.55
CA ILE B 135 15.16 15.53 -11.48
C ILE B 135 15.22 14.91 -12.86
N HIS B 136 14.65 13.73 -13.04
CA HIS B 136 14.78 13.02 -14.32
C HIS B 136 13.80 11.85 -14.42
N GLU B 137 13.40 11.53 -15.65
CA GLU B 137 12.61 10.33 -15.93
C GLU B 137 13.35 9.48 -16.95
N SER B 138 13.31 8.16 -16.79
CA SER B 138 14.04 7.26 -17.67
C SER B 138 13.52 5.85 -17.66
N LEU B 139 13.71 5.16 -18.77
CA LEU B 139 13.48 3.74 -18.84
C LEU B 139 14.67 3.04 -18.17
N GLN B 140 14.42 1.87 -17.60
CA GLN B 140 15.45 1.11 -16.89
C GLN B 140 15.66 -0.27 -17.53
N MET B 141 16.92 -0.71 -17.57
CA MET B 141 17.27 -1.99 -18.18
C MET B 141 16.50 -3.16 -17.56
N ASN B 142 16.03 -4.05 -18.44
CA ASN B 142 15.26 -5.25 -18.06
C ASN B 142 13.89 -4.99 -17.47
N ARG B 143 13.40 -3.76 -17.60
CA ARG B 143 12.13 -3.37 -17.02
C ARG B 143 11.48 -2.27 -17.83
N LEU B 144 11.70 -2.23 -19.15
CA LEU B 144 11.08 -1.16 -19.93
C LEU B 144 9.57 -1.38 -20.04
N ASP B 145 9.18 -2.64 -19.93
CA ASP B 145 7.84 -3.05 -19.51
C ASP B 145 7.16 -2.01 -18.61
N PHE B 146 7.86 -1.58 -17.57
CA PHE B 146 7.27 -0.78 -16.51
C PHE B 146 7.34 0.74 -16.71
N GLY B 147 7.84 1.18 -17.86
CA GLY B 147 7.77 2.61 -18.19
C GLY B 147 8.68 3.51 -17.35
N SER B 148 8.28 4.76 -17.18
CA SER B 148 9.16 5.75 -16.58
C SER B 148 9.48 5.51 -15.11
N PHE B 149 10.77 5.59 -14.77
CA PHE B 149 11.22 5.62 -13.39
C PHE B 149 11.64 7.05 -13.07
N TYR B 150 11.36 7.48 -11.86
CA TYR B 150 11.63 8.85 -11.44
C TYR B 150 12.86 8.88 -10.57
N LEU B 151 13.80 9.76 -10.92
CA LEU B 151 15.05 9.95 -10.18
C LEU B 151 14.93 11.14 -9.25
N TYR B 152 15.31 10.94 -7.99
CA TYR B 152 15.17 11.95 -6.95
C TYR B 152 16.51 12.26 -6.32
N VAL B 153 16.69 13.51 -5.90
CA VAL B 153 17.88 13.87 -5.17
C VAL B 153 17.51 14.70 -3.97
N LYS B 154 18.18 14.44 -2.84
CA LYS B 154 18.08 15.30 -1.68
C LYS B 154 19.44 15.95 -1.36
N GLU B 155 19.44 17.26 -1.10
CA GLU B 155 20.62 17.96 -0.57
C GLU B 155 20.69 17.74 0.95
N LEU B 156 21.87 17.50 1.50
CA LEU B 156 21.99 16.98 2.86
C LEU B 156 22.55 17.91 3.95
N GLU B 157 22.54 19.22 3.77
CA GLU B 157 23.23 20.08 4.75
C GLU B 157 22.58 21.43 5.07
N ASN B 158 21.53 21.36 5.90
CA ASN B 158 20.76 22.55 6.34
C ASN B 158 19.95 22.21 7.64
N GLN B 159 18.90 22.98 7.94
CA GLN B 159 18.10 22.72 9.15
C GLN B 159 16.71 23.35 9.06
#